data_4BI8
#
_entry.id   4BI8
#
_cell.length_a   68.470
_cell.length_b   68.470
_cell.length_c   92.520
_cell.angle_alpha   90.00
_cell.angle_beta   90.00
_cell.angle_gamma   120.00
#
_symmetry.space_group_name_H-M   'P 32 2 1'
#
loop_
_entity.id
_entity.type
_entity.pdbx_description
1 polymer RAP1A
2 polymer SSSP1
3 water water
#
loop_
_entity_poly.entity_id
_entity_poly.type
_entity_poly.pdbx_seq_one_letter_code
_entity_poly.pdbx_strand_id
1 'polypeptide(L)'
;EQTSIAHLTSDDVNLPGSDFFRFYRSADKQEKEKARIYLLGVLDATEGKSWCQYSQLQTVTLQEFVFEFFNKLPAARLHE
RAAPLIEEALATRFPCKGGKA
;
A
2 'polypeptide(L)'
;MKPLYRQLKSSHYSSDYSSPGYLAAEAVYAEIGYELDTLLKQNPGYANTCAVRMSLALLKTGISFKGRLPIKKGAYKGKT
IEPGAKLLADQLHRSSSFGKAKIFFNAPDAEKGIGNKKGVVFFNKITNYDGGHIDLIEPENSLLTCHSHCYFNCKEVWFW
ELS
;
B
#
# COMPACT_ATOMS: atom_id res chain seq x y z
N SER A 4 28.59 12.78 -1.59
CA SER A 4 27.20 12.50 -1.13
C SER A 4 26.88 13.26 0.16
N ILE A 5 25.60 13.26 0.52
CA ILE A 5 25.11 13.86 1.76
C ILE A 5 24.96 12.77 2.83
N ALA A 6 25.39 13.05 4.05
CA ALA A 6 25.40 12.05 5.14
C ALA A 6 23.99 11.64 5.61
N HIS A 7 23.16 12.63 5.91
CA HIS A 7 21.78 12.41 6.32
C HIS A 7 20.96 13.59 5.91
N LEU A 8 19.65 13.37 5.75
CA LEU A 8 18.78 14.37 5.16
C LEU A 8 18.42 15.48 6.14
N THR A 9 18.66 16.72 5.71
CA THR A 9 18.26 17.89 6.50
C THR A 9 17.49 18.86 5.61
N SER A 10 16.78 19.79 6.25
CA SER A 10 16.03 20.81 5.53
C SER A 10 16.91 21.79 4.74
N ASP A 11 18.22 21.73 4.97
CA ASP A 11 19.17 22.57 4.21
C ASP A 11 19.65 21.93 2.91
N ASP A 12 19.26 20.68 2.66
CA ASP A 12 19.77 19.97 1.48
C ASP A 12 19.02 20.28 0.20
N VAL A 13 19.02 21.56 -0.17
CA VAL A 13 18.44 22.05 -1.41
C VAL A 13 19.14 21.41 -2.60
N ASN A 14 18.45 21.39 -3.75
CA ASN A 14 18.95 20.73 -4.95
C ASN A 14 19.39 19.28 -4.66
N LEU A 15 18.56 18.58 -3.89
CA LEU A 15 18.84 17.21 -3.46
C LEU A 15 18.95 16.27 -4.67
N PRO A 16 20.13 15.65 -4.87
CA PRO A 16 20.29 14.72 -6.00
C PRO A 16 19.44 13.47 -5.82
N GLY A 17 19.02 12.87 -6.93
CA GLY A 17 18.22 11.66 -6.90
C GLY A 17 18.86 10.54 -6.08
N SER A 18 20.18 10.38 -6.23
CA SER A 18 20.91 9.32 -5.54
C SER A 18 20.85 9.47 -4.01
N ASP A 19 20.99 10.69 -3.52
CA ASP A 19 20.93 10.95 -2.09
C ASP A 19 19.52 10.73 -1.56
N PHE A 20 18.53 11.30 -2.24
CA PHE A 20 17.13 11.07 -1.88
C PHE A 20 16.82 9.59 -1.78
N PHE A 21 17.20 8.83 -2.81
CA PHE A 21 16.88 7.42 -2.91
C PHE A 21 17.55 6.59 -1.80
N ARG A 22 18.73 7.02 -1.38
CA ARG A 22 19.41 6.39 -0.25
C ARG A 22 18.63 6.58 1.06
N PHE A 23 18.23 7.82 1.33
CA PHE A 23 17.45 8.14 2.52
C PHE A 23 16.06 7.50 2.48
N TYR A 24 15.46 7.48 1.29
CA TYR A 24 14.14 6.89 1.06
C TYR A 24 14.11 5.41 1.44
N ARG A 25 15.23 4.72 1.25
CA ARG A 25 15.33 3.30 1.58
C ARG A 25 15.94 3.01 2.95
N SER A 26 16.21 4.05 3.73
CA SER A 26 16.95 3.88 5.00
C SER A 26 16.30 2.91 5.99
N ALA A 27 17.14 2.12 6.64
CA ALA A 27 16.73 1.23 7.71
C ALA A 27 16.38 2.03 8.98
N ASP A 28 16.86 3.27 9.06
CA ASP A 28 16.49 4.16 10.16
C ASP A 28 15.11 4.69 9.85
N LYS A 29 14.15 4.35 10.71
CA LYS A 29 12.76 4.76 10.46
C LYS A 29 12.55 6.28 10.43
N GLN A 30 13.33 7.02 11.22
CA GLN A 30 13.23 8.47 11.25
C GLN A 30 13.80 9.10 9.98
N GLU A 31 14.87 8.50 9.47
CA GLU A 31 15.46 8.94 8.20
C GLU A 31 14.55 8.66 7.01
N LYS A 32 13.95 7.46 6.97
CA LYS A 32 13.00 7.10 5.92
C LYS A 32 11.79 8.03 5.93
N GLU A 33 11.30 8.36 7.12
CA GLU A 33 10.18 9.27 7.28
C GLU A 33 10.52 10.67 6.78
N LYS A 34 11.72 11.16 7.08
CA LYS A 34 12.16 12.47 6.58
C LYS A 34 12.19 12.51 5.06
N ALA A 35 12.66 11.43 4.44
CA ALA A 35 12.67 11.32 2.98
C ALA A 35 11.26 11.27 2.42
N ARG A 36 10.38 10.54 3.09
CA ARG A 36 8.96 10.51 2.70
C ARG A 36 8.26 11.86 2.90
N ILE A 37 8.77 12.69 3.80
CA ILE A 37 8.25 14.05 3.98
C ILE A 37 8.76 15.01 2.88
N TYR A 38 10.01 14.84 2.45
CA TYR A 38 10.51 15.54 1.25
C TYR A 38 9.58 15.21 0.08
N LEU A 39 9.28 13.93 -0.08
CA LEU A 39 8.34 13.46 -1.10
C LEU A 39 6.98 14.12 -0.95
N LEU A 40 6.47 14.17 0.27
CA LEU A 40 5.19 14.82 0.53
C LEU A 40 5.15 16.26 0.00
N GLY A 41 6.22 17.02 0.27
CA GLY A 41 6.32 18.40 -0.23
C GLY A 41 6.23 18.44 -1.74
N VAL A 42 6.98 17.56 -2.40
CA VAL A 42 6.95 17.44 -3.87
C VAL A 42 5.56 17.04 -4.37
N LEU A 43 4.95 16.06 -3.72
CA LEU A 43 3.57 15.65 -4.06
C LEU A 43 2.60 16.82 -3.97
N ASP A 44 2.58 17.51 -2.83
CA ASP A 44 1.68 18.64 -2.65
C ASP A 44 1.93 19.77 -3.64
N ALA A 45 3.19 19.95 -4.04
CA ALA A 45 3.55 21.00 -5.00
C ALA A 45 3.11 20.71 -6.43
N THR A 46 2.91 19.43 -6.75
CA THR A 46 2.67 19.00 -8.13
C THR A 46 1.31 18.34 -8.36
N GLU A 47 0.68 17.85 -7.30
CA GLU A 47 -0.60 17.14 -7.41
C GLU A 47 -1.68 18.07 -7.95
N GLY A 48 -2.49 17.56 -8.88
CA GLY A 48 -3.54 18.35 -9.51
C GLY A 48 -3.03 19.24 -10.63
N LYS A 49 -1.71 19.17 -10.86
CA LYS A 49 -1.08 19.97 -11.91
C LYS A 49 -0.43 19.07 -12.95
N SER A 50 0.65 18.37 -12.57
CA SER A 50 1.31 17.48 -13.51
C SER A 50 0.83 16.02 -13.40
N TRP A 51 0.19 15.69 -12.29
CA TRP A 51 -0.35 14.35 -12.10
C TRP A 51 -1.56 14.40 -11.22
N CYS A 52 -2.41 13.39 -11.35
CA CYS A 52 -3.69 13.35 -10.66
C CYS A 52 -3.92 11.92 -10.13
N GLN A 53 -4.49 11.74 -8.94
CA GLN A 53 -4.80 12.77 -7.94
C GLN A 53 -4.99 12.07 -6.59
N TYR A 54 -4.98 12.83 -5.49
CA TYR A 54 -5.10 12.24 -4.15
C TYR A 54 -6.36 11.39 -3.93
N SER A 55 -7.49 11.82 -4.48
CA SER A 55 -8.72 11.06 -4.27
C SER A 55 -8.63 9.65 -4.85
N GLN A 56 -7.81 9.48 -5.87
CA GLN A 56 -7.72 8.20 -6.59
C GLN A 56 -6.52 7.35 -6.18
N LEU A 57 -5.58 7.93 -5.44
CA LEU A 57 -4.31 7.25 -5.15
C LEU A 57 -3.85 7.40 -3.71
N GLN A 58 -3.69 6.27 -3.03
CA GLN A 58 -3.17 6.22 -1.65
C GLN A 58 -1.72 6.67 -1.58
N THR A 59 -1.32 7.16 -0.40
CA THR A 59 0.07 7.55 -0.20
C THR A 59 1.03 6.36 -0.37
N VAL A 60 0.63 5.16 0.07
CA VAL A 60 1.47 3.96 -0.12
C VAL A 60 1.62 3.62 -1.61
N THR A 61 0.57 3.88 -2.38
CA THR A 61 0.59 3.70 -3.83
C THR A 61 1.59 4.66 -4.47
N LEU A 62 1.48 5.94 -4.11
CA LEU A 62 2.42 6.96 -4.61
C LEU A 62 3.86 6.61 -4.25
N GLN A 63 4.05 6.17 -3.01
CA GLN A 63 5.38 5.78 -2.51
C GLN A 63 5.97 4.57 -3.25
N GLU A 64 5.11 3.58 -3.55
CA GLU A 64 5.53 2.39 -4.29
C GLU A 64 6.00 2.74 -5.71
N PHE A 65 5.18 3.52 -6.41
CA PHE A 65 5.49 3.88 -7.81
C PHE A 65 6.71 4.79 -7.92
N VAL A 66 6.88 5.69 -6.95
CA VAL A 66 8.09 6.49 -6.86
C VAL A 66 9.32 5.58 -6.65
N PHE A 67 9.22 4.63 -5.73
CA PHE A 67 10.31 3.67 -5.53
C PHE A 67 10.66 2.90 -6.80
N GLU A 68 9.64 2.41 -7.50
CA GLU A 68 9.85 1.59 -8.70
C GLU A 68 10.52 2.38 -9.81
N PHE A 69 10.11 3.64 -9.97
CA PHE A 69 10.73 4.55 -10.94
C PHE A 69 12.22 4.73 -10.62
N PHE A 70 12.52 5.10 -9.37
CA PHE A 70 13.91 5.29 -8.95
C PHE A 70 14.72 4.00 -9.07
N ASN A 71 14.09 2.87 -8.76
CA ASN A 71 14.78 1.58 -8.77
C ASN A 71 15.17 1.11 -10.17
N LYS A 72 14.45 1.57 -11.19
CA LYS A 72 14.70 1.16 -12.57
C LYS A 72 15.45 2.24 -13.34
N LEU A 73 15.73 3.35 -12.68
CA LEU A 73 16.38 4.50 -13.30
C LEU A 73 17.82 4.15 -13.70
N PRO A 74 18.24 4.52 -14.92
CA PRO A 74 19.66 4.37 -15.25
C PRO A 74 20.48 5.21 -14.27
N ALA A 75 21.64 4.70 -13.87
CA ALA A 75 22.50 5.36 -12.87
C ALA A 75 22.85 6.81 -13.22
N ALA A 76 22.96 7.11 -14.51
CA ALA A 76 23.26 8.45 -15.00
C ALA A 76 22.21 9.49 -14.57
N ARG A 77 20.95 9.06 -14.55
CA ARG A 77 19.85 9.97 -14.22
C ARG A 77 19.73 10.28 -12.73
N LEU A 78 20.41 9.50 -11.88
CA LEU A 78 20.38 9.73 -10.43
C LEU A 78 21.08 11.02 -10.00
N HIS A 79 21.83 11.62 -10.93
CA HIS A 79 22.46 12.92 -10.70
C HIS A 79 21.49 14.06 -10.83
N GLU A 80 20.32 13.81 -11.44
CA GLU A 80 19.26 14.82 -11.54
C GLU A 80 18.62 15.08 -10.18
N ARG A 81 18.03 16.26 -10.02
CA ARG A 81 17.36 16.64 -8.77
C ARG A 81 16.20 15.70 -8.44
N ALA A 82 16.08 15.34 -7.17
CA ALA A 82 15.06 14.37 -6.73
C ALA A 82 13.63 14.79 -7.06
N ALA A 83 13.27 16.05 -6.80
CA ALA A 83 11.89 16.53 -7.02
C ALA A 83 11.37 16.33 -8.47
N PRO A 84 12.12 16.81 -9.49
CA PRO A 84 11.63 16.57 -10.86
C PRO A 84 11.56 15.09 -11.24
N LEU A 85 12.46 14.26 -10.71
CA LEU A 85 12.40 12.81 -10.95
C LEU A 85 11.11 12.20 -10.38
N ILE A 86 10.78 12.59 -9.14
CA ILE A 86 9.54 12.17 -8.49
C ILE A 86 8.34 12.60 -9.34
N GLU A 87 8.38 13.86 -9.80
CA GLU A 87 7.31 14.39 -10.61
C GLU A 87 7.14 13.58 -11.90
N GLU A 88 8.26 13.27 -12.54
CA GLU A 88 8.28 12.47 -13.77
C GLU A 88 7.65 11.10 -13.53
N ALA A 89 8.02 10.45 -12.42
CA ALA A 89 7.47 9.15 -12.04
C ALA A 89 5.95 9.11 -12.07
N LEU A 90 5.33 10.16 -11.55
CA LEU A 90 3.88 10.19 -11.42
C LEU A 90 3.20 10.78 -12.64
N ALA A 91 3.82 11.79 -13.26
CA ALA A 91 3.26 12.46 -14.44
C ALA A 91 3.10 11.49 -15.60
N THR A 92 4.04 10.56 -15.72
CA THR A 92 4.06 9.61 -16.82
C THR A 92 3.09 8.44 -16.60
N ARG A 93 2.74 8.16 -15.35
CA ARG A 93 1.81 7.07 -15.06
C ARG A 93 0.40 7.54 -14.73
N PHE A 94 0.30 8.70 -14.10
CA PHE A 94 -0.99 9.20 -13.62
C PHE A 94 -1.26 10.64 -14.09
N PRO A 95 -1.35 10.87 -15.42
CA PRO A 95 -1.56 12.23 -15.90
C PRO A 95 -2.94 12.77 -15.51
N CYS A 96 -3.08 14.10 -15.47
CA CYS A 96 -4.39 14.70 -15.26
C CYS A 96 -5.15 14.69 -16.59
N LYS A 97 -6.40 14.23 -16.55
CA LYS A 97 -7.23 14.08 -17.75
C LYS A 97 -8.57 14.80 -17.63
N MET B 1 -11.65 -22.73 7.89
CA MET B 1 -11.52 -22.15 9.25
C MET B 1 -10.43 -21.08 9.31
N LYS B 2 -10.50 -20.23 10.33
CA LYS B 2 -9.63 -19.05 10.50
C LYS B 2 -8.12 -19.34 10.49
N PRO B 3 -7.36 -18.66 9.60
CA PRO B 3 -5.93 -18.92 9.50
C PRO B 3 -5.13 -18.26 10.62
N LEU B 4 -3.98 -18.83 10.95
CA LEU B 4 -3.03 -18.20 11.86
C LEU B 4 -2.50 -16.93 11.22
N TYR B 5 -2.09 -15.97 12.05
CA TYR B 5 -1.57 -14.70 11.55
C TYR B 5 -0.33 -14.89 10.69
N ARG B 6 0.65 -15.66 11.20
CA ARG B 6 1.90 -15.89 10.48
C ARG B 6 1.72 -16.56 9.13
N GLN B 7 0.80 -17.52 9.02
CA GLN B 7 0.51 -18.17 7.74
CA GLN B 7 0.57 -18.15 7.73
C GLN B 7 -0.06 -17.14 6.76
N LEU B 8 -1.04 -16.36 7.22
CA LEU B 8 -1.64 -15.36 6.33
C LEU B 8 -0.59 -14.33 5.90
N LYS B 9 0.23 -13.83 6.83
CA LYS B 9 1.31 -12.89 6.50
C LYS B 9 2.26 -13.49 5.47
N SER B 10 2.63 -14.76 5.65
CA SER B 10 3.53 -15.44 4.72
C SER B 10 2.97 -15.55 3.31
N SER B 11 1.64 -15.49 3.17
CA SER B 11 1.01 -15.54 1.85
C SER B 11 0.61 -14.15 1.33
N HIS B 12 1.10 -13.11 1.99
CA HIS B 12 0.71 -11.73 1.69
C HIS B 12 1.89 -10.93 1.17
N TYR B 13 1.74 -10.39 -0.04
CA TYR B 13 2.75 -9.51 -0.62
C TYR B 13 2.56 -8.08 -0.13
N SER B 14 3.51 -7.60 0.67
CA SER B 14 3.51 -6.20 1.11
C SER B 14 3.72 -5.26 -0.07
N SER B 15 3.04 -4.12 -0.04
CA SER B 15 3.24 -3.07 -1.05
C SER B 15 4.17 -1.97 -0.54
N ASP B 16 4.71 -2.17 0.67
CA ASP B 16 5.71 -1.27 1.25
C ASP B 16 7.06 -1.65 0.66
N TYR B 17 7.64 -0.76 -0.14
CA TYR B 17 8.94 -1.01 -0.79
C TYR B 17 10.09 -1.35 0.18
N SER B 18 9.96 -0.95 1.44
CA SER B 18 11.00 -1.17 2.44
C SER B 18 10.81 -2.46 3.25
N SER B 19 9.71 -3.17 2.99
CA SER B 19 9.37 -4.38 3.73
C SER B 19 10.10 -5.60 3.15
N PRO B 20 10.55 -6.54 4.02
CA PRO B 20 11.13 -7.77 3.48
C PRO B 20 10.12 -8.62 2.70
N GLY B 21 8.83 -8.37 2.91
CA GLY B 21 7.77 -9.10 2.18
C GLY B 21 7.27 -8.41 0.92
N TYR B 22 7.99 -7.37 0.49
CA TYR B 22 7.57 -6.53 -0.65
C TYR B 22 7.51 -7.25 -1.98
N LEU B 23 6.45 -6.98 -2.75
CA LEU B 23 6.42 -7.32 -4.17
C LEU B 23 5.70 -6.20 -4.92
N ALA B 24 6.30 -5.74 -6.03
CA ALA B 24 5.73 -4.64 -6.81
C ALA B 24 4.43 -5.03 -7.55
N ALA B 25 3.58 -4.04 -7.77
CA ALA B 25 2.26 -4.22 -8.42
C ALA B 25 2.30 -4.94 -9.77
N GLU B 26 3.32 -4.66 -10.59
CA GLU B 26 3.43 -5.34 -11.88
C GLU B 26 3.56 -6.86 -11.71
N ALA B 27 4.41 -7.28 -10.78
CA ALA B 27 4.60 -8.70 -10.49
C ALA B 27 3.37 -9.34 -9.85
N VAL B 28 2.68 -8.60 -8.98
CA VAL B 28 1.44 -9.07 -8.35
C VAL B 28 0.36 -9.37 -9.41
N TYR B 29 0.12 -8.39 -10.28
CA TYR B 29 -0.90 -8.55 -11.33
C TYR B 29 -0.50 -9.63 -12.35
N ALA B 30 0.79 -9.70 -12.66
CA ALA B 30 1.31 -10.72 -13.60
C ALA B 30 1.00 -12.13 -13.11
N GLU B 31 1.17 -12.37 -11.82
CA GLU B 31 0.87 -13.66 -11.20
C GLU B 31 -0.55 -14.16 -11.50
N ILE B 32 -1.51 -13.24 -11.55
CA ILE B 32 -2.91 -13.59 -11.78
C ILE B 32 -3.35 -13.38 -13.23
N GLY B 33 -2.38 -13.05 -14.08
CA GLY B 33 -2.62 -13.00 -15.52
C GLY B 33 -3.01 -11.64 -16.09
N TYR B 34 -2.72 -10.58 -15.36
CA TYR B 34 -3.01 -9.22 -15.82
C TYR B 34 -1.75 -8.39 -16.05
N GLU B 35 -1.83 -7.46 -16.98
CA GLU B 35 -0.76 -6.54 -17.28
C GLU B 35 -1.09 -5.21 -16.60
N LEU B 36 -0.24 -4.79 -15.68
CA LEU B 36 -0.49 -3.58 -14.88
C LEU B 36 -0.85 -2.39 -15.75
N ASP B 37 -0.06 -2.16 -16.80
CA ASP B 37 -0.26 -1.00 -17.67
C ASP B 37 -1.64 -0.97 -18.34
N THR B 38 -2.13 -2.14 -18.76
CA THR B 38 -3.48 -2.28 -19.33
C THR B 38 -4.54 -1.88 -18.31
N LEU B 39 -4.42 -2.39 -17.09
CA LEU B 39 -5.35 -2.06 -16.02
C LEU B 39 -5.35 -0.57 -15.67
N LEU B 40 -4.17 0.02 -15.55
CA LEU B 40 -4.06 1.45 -15.24
C LEU B 40 -4.76 2.34 -16.28
N LYS B 41 -4.69 1.93 -17.54
CA LYS B 41 -5.38 2.65 -18.62
C LYS B 41 -6.90 2.60 -18.49
N GLN B 42 -7.43 1.46 -18.04
CA GLN B 42 -8.86 1.31 -17.75
C GLN B 42 -9.27 2.17 -16.56
N ASN B 43 -8.47 2.11 -15.50
CA ASN B 43 -8.74 2.85 -14.25
C ASN B 43 -7.47 2.98 -13.42
N PRO B 44 -7.07 4.22 -13.09
CA PRO B 44 -5.88 4.48 -12.25
C PRO B 44 -5.99 3.86 -10.87
N GLY B 45 -7.23 3.66 -10.40
CA GLY B 45 -7.50 3.03 -9.11
C GLY B 45 -6.90 1.64 -8.94
N TYR B 46 -6.65 0.95 -10.05
CA TYR B 46 -5.96 -0.34 -10.01
C TYR B 46 -4.54 -0.26 -9.45
N ALA B 47 -3.97 0.95 -9.41
CA ALA B 47 -2.67 1.15 -8.78
C ALA B 47 -2.69 0.89 -7.27
N ASN B 48 -3.87 1.04 -6.66
CA ASN B 48 -4.07 0.72 -5.24
C ASN B 48 -4.39 -0.76 -5.08
N THR B 49 -3.40 -1.53 -4.64
CA THR B 49 -3.45 -2.97 -4.71
C THR B 49 -3.70 -3.72 -3.39
N CYS B 50 -3.99 -3.01 -2.29
CA CYS B 50 -4.13 -3.66 -0.99
C CYS B 50 -5.16 -4.80 -0.98
N ALA B 51 -6.30 -4.59 -1.62
CA ALA B 51 -7.34 -5.61 -1.68
C ALA B 51 -7.00 -6.74 -2.64
N VAL B 52 -6.28 -6.43 -3.73
CA VAL B 52 -5.76 -7.45 -4.63
C VAL B 52 -4.83 -8.38 -3.84
N ARG B 53 -3.92 -7.77 -3.10
CA ARG B 53 -2.95 -8.48 -2.27
C ARG B 53 -3.63 -9.30 -1.17
N MET B 54 -4.62 -8.71 -0.51
CA MET B 54 -5.35 -9.43 0.54
C MET B 54 -6.15 -10.60 -0.04
N SER B 55 -6.79 -10.38 -1.19
CA SER B 55 -7.54 -11.43 -1.90
C SER B 55 -6.65 -12.65 -2.16
N LEU B 56 -5.44 -12.39 -2.64
CA LEU B 56 -4.46 -13.42 -2.97
C LEU B 56 -3.99 -14.17 -1.72
N ALA B 57 -3.78 -13.43 -0.64
CA ALA B 57 -3.38 -14.02 0.65
C ALA B 57 -4.46 -14.96 1.18
N LEU B 58 -5.71 -14.53 1.04
CA LEU B 58 -6.87 -15.32 1.43
C LEU B 58 -6.96 -16.61 0.61
N LEU B 59 -6.89 -16.49 -0.71
CA LEU B 59 -6.87 -17.65 -1.60
C LEU B 59 -5.77 -18.65 -1.20
N LYS B 60 -4.57 -18.13 -0.96
CA LYS B 60 -3.43 -18.95 -0.58
C LYS B 60 -3.55 -19.61 0.80
N THR B 61 -4.53 -19.16 1.58
CA THR B 61 -4.81 -19.78 2.89
C THR B 61 -6.16 -20.49 2.90
N GLY B 62 -6.69 -20.77 1.70
CA GLY B 62 -7.92 -21.54 1.53
C GLY B 62 -9.20 -20.87 2.03
N ILE B 63 -9.25 -19.55 1.97
CA ILE B 63 -10.43 -18.81 2.44
C ILE B 63 -11.30 -18.38 1.25
N SER B 64 -12.60 -18.67 1.36
CA SER B 64 -13.55 -18.38 0.29
C SER B 64 -14.15 -16.98 0.37
N PHE B 65 -14.30 -16.33 -0.78
CA PHE B 65 -14.92 -15.01 -0.91
C PHE B 65 -15.29 -14.76 -2.37
N LYS B 66 -16.27 -13.89 -2.60
CA LYS B 66 -16.65 -13.46 -3.95
C LYS B 66 -15.82 -12.25 -4.36
N GLY B 67 -15.25 -12.28 -5.56
CA GLY B 67 -14.56 -11.12 -6.12
C GLY B 67 -15.08 -10.79 -7.51
N ARG B 68 -14.74 -9.60 -8.00
CA ARG B 68 -15.19 -9.15 -9.31
C ARG B 68 -14.17 -9.41 -10.42
N LEU B 69 -12.90 -9.53 -10.06
CA LEU B 69 -11.83 -9.68 -11.03
C LEU B 69 -11.43 -11.15 -11.22
N PRO B 70 -11.76 -11.73 -12.38
CA PRO B 70 -11.45 -13.15 -12.61
C PRO B 70 -9.95 -13.41 -12.75
N ILE B 71 -9.46 -14.46 -12.10
CA ILE B 71 -8.06 -14.83 -12.20
C ILE B 71 -7.84 -15.63 -13.48
N LYS B 72 -6.89 -15.18 -14.30
CA LYS B 72 -6.65 -15.74 -15.64
C LYS B 72 -5.49 -16.75 -15.72
N LYS B 73 -4.59 -16.71 -14.74
CA LYS B 73 -3.40 -17.57 -14.77
C LYS B 73 -3.04 -18.11 -13.39
N GLY B 74 -2.32 -19.22 -13.38
CA GLY B 74 -1.73 -19.76 -12.16
C GLY B 74 -2.63 -20.68 -11.36
N ALA B 75 -2.23 -20.94 -10.12
CA ALA B 75 -2.88 -21.92 -9.24
C ALA B 75 -4.35 -21.63 -8.95
N TYR B 76 -4.72 -20.36 -9.06
CA TYR B 76 -6.07 -19.93 -8.69
C TYR B 76 -6.90 -19.46 -9.89
N LYS B 77 -6.46 -19.83 -11.09
CA LYS B 77 -7.24 -19.62 -12.30
C LYS B 77 -8.66 -20.14 -12.09
N GLY B 78 -9.64 -19.31 -12.44
CA GLY B 78 -11.05 -19.66 -12.24
C GLY B 78 -11.64 -19.07 -10.98
N LYS B 79 -10.79 -18.76 -10.00
CA LYS B 79 -11.20 -18.02 -8.81
C LYS B 79 -11.24 -16.53 -9.12
N THR B 80 -11.61 -15.72 -8.13
CA THR B 80 -11.75 -14.28 -8.33
C THR B 80 -10.98 -13.46 -7.29
N ILE B 81 -10.58 -12.26 -7.71
CA ILE B 81 -9.96 -11.27 -6.83
C ILE B 81 -10.99 -10.15 -6.60
N GLU B 82 -11.04 -9.64 -5.38
CA GLU B 82 -11.79 -8.41 -5.11
C GLU B 82 -10.81 -7.24 -4.97
N PRO B 83 -10.75 -6.35 -5.98
CA PRO B 83 -9.79 -5.24 -5.98
C PRO B 83 -10.17 -4.04 -5.10
N GLY B 84 -11.41 -4.01 -4.61
CA GLY B 84 -11.88 -2.93 -3.73
C GLY B 84 -11.82 -3.31 -2.26
N ALA B 85 -11.14 -2.48 -1.46
CA ALA B 85 -10.91 -2.76 -0.03
C ALA B 85 -12.19 -2.86 0.78
N LYS B 86 -13.09 -1.89 0.59
CA LYS B 86 -14.37 -1.86 1.29
C LYS B 86 -15.22 -3.08 0.93
N LEU B 87 -15.31 -3.37 -0.37
CA LEU B 87 -16.06 -4.53 -0.84
C LEU B 87 -15.54 -5.84 -0.24
N LEU B 88 -14.21 -5.99 -0.22
CA LEU B 88 -13.61 -7.17 0.41
C LEU B 88 -13.85 -7.20 1.92
N ALA B 89 -13.71 -6.05 2.57
CA ALA B 89 -13.96 -5.95 3.99
C ALA B 89 -15.42 -6.26 4.31
N ASP B 90 -16.34 -5.69 3.52
CA ASP B 90 -17.78 -5.90 3.69
C ASP B 90 -18.13 -7.39 3.62
N GLN B 91 -17.43 -8.10 2.75
CA GLN B 91 -17.62 -9.53 2.60
C GLN B 91 -17.06 -10.36 3.75
N LEU B 92 -15.83 -10.05 4.16
CA LEU B 92 -15.23 -10.70 5.34
C LEU B 92 -16.10 -10.48 6.58
N HIS B 93 -16.67 -9.28 6.70
CA HIS B 93 -17.50 -8.88 7.83
C HIS B 93 -18.86 -9.54 7.81
N ARG B 94 -19.56 -9.38 6.70
CA ARG B 94 -20.96 -9.83 6.58
C ARG B 94 -21.12 -11.34 6.46
N SER B 95 -20.09 -12.01 5.94
CA SER B 95 -20.24 -13.38 5.48
C SER B 95 -18.91 -14.10 5.23
N SER B 96 -18.18 -14.40 6.29
CA SER B 96 -16.97 -15.22 6.18
C SER B 96 -16.67 -15.99 7.47
N SER B 97 -15.66 -16.85 7.41
CA SER B 97 -15.17 -17.63 8.54
C SER B 97 -14.26 -16.80 9.47
N PHE B 98 -14.01 -15.55 9.10
CA PHE B 98 -13.38 -14.60 10.00
C PHE B 98 -14.38 -14.10 11.03
N GLY B 99 -15.66 -14.14 10.66
CA GLY B 99 -16.73 -13.59 11.49
C GLY B 99 -16.77 -12.08 11.39
N LYS B 100 -17.60 -11.46 12.23
CA LYS B 100 -17.77 -10.02 12.25
C LYS B 100 -16.55 -9.34 12.88
N ALA B 101 -16.13 -8.23 12.28
CA ALA B 101 -15.05 -7.42 12.82
C ALA B 101 -15.49 -6.67 14.07
N LYS B 102 -14.50 -6.31 14.88
CA LYS B 102 -14.67 -5.32 15.93
C LYS B 102 -14.60 -3.95 15.23
N ILE B 103 -15.55 -3.07 15.53
CA ILE B 103 -15.63 -1.76 14.85
C ILE B 103 -15.27 -0.64 15.83
N PHE B 104 -14.27 0.16 15.46
CA PHE B 104 -13.88 1.34 16.24
C PHE B 104 -14.13 2.61 15.44
N PHE B 105 -14.59 3.66 16.13
CA PHE B 105 -15.03 4.88 15.47
C PHE B 105 -14.02 6.02 15.50
N ASN B 106 -12.88 5.78 16.15
CA ASN B 106 -11.78 6.75 16.19
C ASN B 106 -10.45 6.02 16.41
N ALA B 107 -9.35 6.68 16.07
CA ALA B 107 -8.01 6.09 16.17
C ALA B 107 -7.60 5.69 17.60
N PRO B 108 -7.82 6.57 18.60
CA PRO B 108 -7.49 6.19 19.97
C PRO B 108 -8.20 4.91 20.44
N ASP B 109 -9.49 4.80 20.15
CA ASP B 109 -10.25 3.59 20.46
C ASP B 109 -9.67 2.37 19.73
N ALA B 110 -9.32 2.55 18.46
CA ALA B 110 -8.77 1.45 17.66
C ALA B 110 -7.41 0.99 18.21
N GLU B 111 -6.55 1.93 18.56
CA GLU B 111 -5.23 1.62 19.10
C GLU B 111 -5.33 0.89 20.45
N LYS B 112 -6.24 1.34 21.30
CA LYS B 112 -6.47 0.69 22.60
C LYS B 112 -7.17 -0.67 22.45
N GLY B 113 -8.11 -0.75 21.50
CA GLY B 113 -8.88 -1.97 21.28
C GLY B 113 -8.05 -3.09 20.68
N ILE B 114 -7.23 -2.75 19.68
CA ILE B 114 -6.34 -3.73 19.08
C ILE B 114 -5.25 -4.11 20.09
N GLY B 115 -4.68 -3.11 20.77
CA GLY B 115 -3.72 -3.33 21.85
C GLY B 115 -2.49 -4.10 21.42
N ASN B 116 -2.27 -5.26 22.04
CA ASN B 116 -1.14 -6.13 21.70
C ASN B 116 -1.50 -7.28 20.75
N LYS B 117 -2.70 -7.24 20.20
CA LYS B 117 -3.18 -8.31 19.31
C LYS B 117 -2.72 -8.13 17.87
N LYS B 118 -2.97 -9.15 17.06
CA LYS B 118 -2.63 -9.13 15.63
C LYS B 118 -3.79 -9.69 14.81
N GLY B 119 -3.83 -9.33 13.53
CA GLY B 119 -4.86 -9.82 12.62
C GLY B 119 -5.05 -8.96 11.40
N VAL B 120 -6.25 -9.01 10.84
CA VAL B 120 -6.60 -8.26 9.65
C VAL B 120 -7.26 -6.95 10.09
N VAL B 121 -6.84 -5.85 9.49
CA VAL B 121 -7.38 -4.52 9.79
C VAL B 121 -7.95 -3.90 8.52
N PHE B 122 -9.05 -3.15 8.66
CA PHE B 122 -9.60 -2.36 7.57
C PHE B 122 -9.75 -0.92 8.04
N PHE B 123 -9.14 0.00 7.30
CA PHE B 123 -9.25 1.43 7.57
C PHE B 123 -10.30 1.99 6.60
N ASN B 124 -11.43 2.41 7.16
CA ASN B 124 -12.60 2.79 6.37
C ASN B 124 -12.65 4.30 6.17
N LYS B 125 -12.63 4.73 4.91
CA LYS B 125 -12.74 6.14 4.51
C LYS B 125 -11.55 6.96 4.99
N ILE B 126 -10.43 6.82 4.29
CA ILE B 126 -9.18 7.47 4.64
C ILE B 126 -9.22 8.95 4.22
N THR B 127 -8.71 9.84 5.08
CA THR B 127 -8.68 11.27 4.76
C THR B 127 -7.94 11.52 3.45
N ASN B 128 -8.57 12.28 2.55
CA ASN B 128 -7.98 12.69 1.27
C ASN B 128 -7.89 11.57 0.23
N TYR B 129 -8.59 10.47 0.48
CA TYR B 129 -8.63 9.35 -0.44
C TYR B 129 -10.04 8.77 -0.49
N ASP B 130 -10.56 8.61 -1.70
N ASP B 130 -10.56 8.56 -1.70
CA ASP B 130 -11.88 8.03 -1.92
CA ASP B 130 -11.93 8.06 -1.88
C ASP B 130 -11.83 6.52 -1.81
C ASP B 130 -11.97 6.55 -1.79
N GLY B 131 -11.73 6.03 -0.58
CA GLY B 131 -11.75 4.60 -0.30
C GLY B 131 -11.06 4.23 1.00
N GLY B 132 -10.81 2.94 1.16
CA GLY B 132 -10.21 2.42 2.38
C GLY B 132 -8.96 1.60 2.11
N HIS B 133 -8.51 0.86 3.12
CA HIS B 133 -7.29 0.08 3.03
C HIS B 133 -7.40 -1.10 3.92
N ILE B 134 -7.17 -2.29 3.35
CA ILE B 134 -7.20 -3.55 4.10
C ILE B 134 -5.78 -4.13 4.18
N ASP B 135 -5.39 -4.61 5.35
CA ASP B 135 -4.00 -4.98 5.61
C ASP B 135 -3.92 -5.93 6.79
N LEU B 136 -2.69 -6.32 7.13
CA LEU B 136 -2.41 -7.10 8.32
C LEU B 136 -1.75 -6.19 9.33
N ILE B 137 -2.11 -6.33 10.59
CA ILE B 137 -1.57 -5.48 11.65
C ILE B 137 -1.04 -6.35 12.80
N GLU B 138 0.02 -5.88 13.44
CA GLU B 138 0.65 -6.59 14.57
C GLU B 138 1.49 -5.60 15.39
N PRO B 139 1.76 -5.93 16.67
CA PRO B 139 2.63 -5.06 17.46
C PRO B 139 4.10 -5.16 17.05
N GLU B 140 4.79 -4.03 17.13
CA GLU B 140 6.24 -3.96 16.92
C GLU B 140 6.73 -2.93 17.93
N ASN B 141 7.61 -3.36 18.83
CA ASN B 141 7.89 -2.64 20.06
C ASN B 141 6.56 -2.44 20.80
N SER B 142 6.21 -1.19 21.08
CA SER B 142 4.92 -0.87 21.68
C SER B 142 4.06 -0.04 20.72
N LEU B 143 4.28 -0.24 19.43
CA LEU B 143 3.49 0.42 18.39
C LEU B 143 2.86 -0.64 17.50
N LEU B 144 1.76 -0.29 16.83
CA LEU B 144 1.17 -1.18 15.86
C LEU B 144 1.76 -0.89 14.48
N THR B 145 2.05 -1.96 13.74
CA THR B 145 2.60 -1.82 12.38
C THR B 145 1.83 -2.69 11.39
N CYS B 146 1.60 -2.16 10.20
CA CYS B 146 0.88 -2.89 9.16
C CYS B 146 1.84 -3.44 8.13
N HIS B 147 1.48 -4.57 7.51
CA HIS B 147 2.38 -5.21 6.55
C HIS B 147 2.72 -4.29 5.40
N SER B 148 1.72 -3.57 4.88
CA SER B 148 1.97 -2.56 3.85
C SER B 148 1.98 -1.12 4.40
N HIS B 149 0.92 -0.74 5.11
CA HIS B 149 0.75 0.65 5.55
C HIS B 149 -0.44 0.78 6.48
N CYS B 150 -0.31 1.55 7.55
CA CYS B 150 -1.47 1.84 8.42
C CYS B 150 -2.08 3.19 8.09
N TYR B 151 -3.41 3.26 8.16
CA TYR B 151 -4.15 4.49 7.89
C TYR B 151 -5.16 4.83 8.97
N PHE B 152 -4.65 5.11 10.18
CA PHE B 152 -5.53 5.48 11.30
C PHE B 152 -6.22 6.83 11.11
N ASN B 153 -5.74 7.62 10.14
CA ASN B 153 -6.43 8.83 9.66
C ASN B 153 -7.64 8.45 8.80
N CYS B 154 -8.67 7.90 9.44
CA CYS B 154 -9.85 7.39 8.75
C CYS B 154 -11.08 7.49 9.65
N LYS B 155 -12.26 7.24 9.09
CA LYS B 155 -13.52 7.29 9.85
C LYS B 155 -13.70 6.12 10.82
N GLU B 156 -13.41 4.91 10.37
CA GLU B 156 -13.59 3.69 11.18
C GLU B 156 -12.44 2.72 10.98
N VAL B 157 -12.11 1.99 12.04
CA VAL B 157 -11.13 0.90 11.97
C VAL B 157 -11.86 -0.40 12.33
N TRP B 158 -11.80 -1.37 11.42
CA TRP B 158 -12.38 -2.70 11.65
C TRP B 158 -11.25 -3.66 11.90
N PHE B 159 -11.44 -4.61 12.80
CA PHE B 159 -10.37 -5.52 13.19
C PHE B 159 -10.86 -6.95 13.42
N TRP B 160 -10.21 -7.91 12.76
CA TRP B 160 -10.46 -9.33 12.98
C TRP B 160 -9.21 -9.91 13.58
N GLU B 161 -9.30 -10.37 14.82
CA GLU B 161 -8.11 -10.90 15.50
C GLU B 161 -7.74 -12.28 14.95
N LEU B 162 -6.44 -12.51 14.79
CA LEU B 162 -5.87 -13.80 14.39
C LEU B 162 -4.86 -14.26 15.44
N SER B 163 -4.70 -15.58 15.57
CA SER B 163 -3.80 -16.15 16.59
C SER B 163 -2.39 -16.37 16.07
#